data_5JDM
#
_entry.id   5JDM
#
_cell.length_a   49.802
_cell.length_b   72.267
_cell.length_c   94.839
_cell.angle_alpha   90.000
_cell.angle_beta   90.000
_cell.angle_gamma   90.000
#
_symmetry.space_group_name_H-M   'P 21 21 21'
#
loop_
_entity.id
_entity.type
_entity.pdbx_description
1 polymer 'sodium-calcium exchanger NCX_Mj'
2 non-polymer 'SODIUM ION'
3 non-polymer 'STRONTIUM ION'
4 non-polymer '(2R)-2,3-dihydroxypropyl (9Z)-octadec-9-enoate'
5 non-polymer PENTADECANE
6 non-polymer 'PENTAETHYLENE GLYCOL'
7 non-polymer 3,6,9,12,15-PENTAOXAHEPTADECANE
8 water water
#
_entity_poly.entity_id   1
_entity_poly.type   'polypeptide(L)'
_entity_poly.pdbx_seq_one_letter_code
;MVILGVGYFLLGLILLYYGSDWFVLGSERIARHFNVSNFVIGATVMAIGTSLPEILTSAYASYMHAPGISIGNAIGSCIC
NIGLVLGLSAIISPIIVDKNLQKNILVYLLFVIFAAVIGIDGFSWIDGVVLLILFIIYLRWTVKNGSAEIEENNDKNNPS
VVFSLVLLIIGLIGVLVGAELFVDGAKKIALALDISDKVIGFTLVAFGTSLPELMVSLAAAKRNLGGMVLGNVIGSNIAD
IGGALAVGSLFMHLPAENVQMAVLVIMSLLLYLFAKYSKIGRWQGILFLALYIIAIASLRMG
;
_entity_poly.pdbx_strand_id   A
#
loop_
_chem_comp.id
_chem_comp.type
_chem_comp.name
_chem_comp.formula
1PE non-polymer 'PENTAETHYLENE GLYCOL' 'C10 H22 O6'
MYS non-polymer PENTADECANE 'C15 H32'
NA non-polymer 'SODIUM ION' 'Na 1'
OLC non-polymer '(2R)-2,3-dihydroxypropyl (9Z)-octadec-9-enoate' 'C21 H40 O4'
P3G non-polymer 3,6,9,12,15-PENTAOXAHEPTADECANE 'C12 H26 O5'
SR non-polymer 'STRONTIUM ION' 'Sr 2'
#
# COMPACT_ATOMS: atom_id res chain seq x y z
N MET A 1 11.41 20.19 23.22
CA MET A 1 11.22 18.93 22.52
C MET A 1 10.53 19.15 21.17
N VAL A 2 10.14 20.39 20.91
CA VAL A 2 9.55 20.77 19.63
C VAL A 2 10.66 21.00 18.61
N ILE A 3 11.85 21.32 19.10
CA ILE A 3 12.99 21.63 18.24
C ILE A 3 13.45 20.38 17.50
N LEU A 4 13.55 19.27 18.25
CA LEU A 4 13.89 17.98 17.66
C LEU A 4 12.75 17.53 16.77
N GLY A 5 11.52 17.83 17.20
CA GLY A 5 10.32 17.46 16.46
C GLY A 5 10.31 18.02 15.05
N VAL A 6 10.74 19.27 14.91
CA VAL A 6 10.87 19.88 13.60
C VAL A 6 11.98 19.19 12.82
N GLY A 7 13.08 18.87 13.51
CA GLY A 7 14.22 18.20 12.92
C GLY A 7 13.86 16.84 12.36
N TYR A 8 13.21 16.02 13.17
CA TYR A 8 12.76 14.70 12.74
C TYR A 8 11.79 14.78 11.56
N PHE A 9 10.95 15.80 11.55
CA PHE A 9 9.86 15.89 10.58
C PHE A 9 10.34 16.05 9.13
N LEU A 10 11.13 17.08 8.86
CA LEU A 10 11.62 17.30 7.50
C LEU A 10 12.80 16.43 7.07
N LEU A 11 13.59 15.95 8.02
CA LEU A 11 14.67 15.03 7.68
C LEU A 11 14.07 13.69 7.17
N GLY A 12 13.05 13.23 7.88
CA GLY A 12 12.30 12.06 7.45
C GLY A 12 11.62 12.35 6.12
N LEU A 13 11.15 13.58 5.96
CA LEU A 13 10.56 14.01 4.70
C LEU A 13 11.59 13.97 3.58
N ILE A 14 12.82 14.33 3.92
CA ILE A 14 13.93 14.27 2.97
C ILE A 14 14.29 12.82 2.66
N LEU A 15 14.30 11.99 3.68
CA LEU A 15 14.56 10.56 3.51
C LEU A 15 13.47 9.92 2.66
N LEU A 16 12.23 10.31 2.89
CA LEU A 16 11.10 9.80 2.11
C LEU A 16 11.24 10.19 0.64
N TYR A 17 11.76 11.38 0.40
CA TYR A 17 11.87 11.91 -0.96
C TYR A 17 12.93 11.18 -1.78
N TYR A 18 14.16 11.17 -1.30
CA TYR A 18 15.26 10.54 -2.02
C TYR A 18 15.22 9.02 -1.89
N GLY A 19 14.74 8.53 -0.75
CA GLY A 19 14.68 7.10 -0.50
C GLY A 19 13.68 6.40 -1.40
N SER A 20 12.62 7.10 -1.77
CA SER A 20 11.59 6.53 -2.64
C SER A 20 12.11 6.40 -4.06
N ASP A 21 12.86 7.40 -4.50
CA ASP A 21 13.42 7.37 -5.84
C ASP A 21 14.44 6.25 -5.97
N TRP A 22 15.23 6.06 -4.92
CA TRP A 22 16.25 5.00 -4.90
C TRP A 22 15.61 3.62 -4.83
N PHE A 23 14.50 3.53 -4.09
CA PHE A 23 13.76 2.28 -4.00
C PHE A 23 13.16 1.94 -5.35
N VAL A 24 12.65 2.96 -6.04
CA VAL A 24 12.08 2.78 -7.37
C VAL A 24 13.14 2.37 -8.39
N LEU A 25 14.24 3.13 -8.42
CA LEU A 25 15.35 2.84 -9.34
C LEU A 25 15.94 1.45 -9.09
N GLY A 26 16.08 1.08 -7.82
CA GLY A 26 16.63 -0.21 -7.46
C GLY A 26 15.72 -1.36 -7.86
N SER A 27 14.42 -1.19 -7.67
CA SER A 27 13.45 -2.21 -8.02
C SER A 27 13.37 -2.40 -9.54
N GLU A 28 13.44 -1.30 -10.27
CA GLU A 28 13.36 -1.33 -11.73
C GLU A 28 14.55 -2.08 -12.33
N ARG A 29 15.72 -1.91 -11.72
CA ARG A 29 16.92 -2.62 -12.15
C ARG A 29 16.84 -4.10 -11.81
N ILE A 30 16.34 -4.40 -10.62
CA ILE A 30 16.16 -5.79 -10.19
C ILE A 30 15.16 -6.51 -11.09
N ALA A 31 14.09 -5.81 -11.47
CA ALA A 31 13.09 -6.38 -12.36
C ALA A 31 13.71 -6.82 -13.68
N ARG A 32 14.56 -5.96 -14.24
CA ARG A 32 15.22 -6.28 -15.50
C ARG A 32 16.28 -7.37 -15.30
N HIS A 33 16.75 -7.52 -14.07
CA HIS A 33 17.74 -8.55 -13.78
C HIS A 33 17.13 -9.94 -13.77
N PHE A 34 15.99 -10.07 -13.09
CA PHE A 34 15.32 -11.37 -12.99
C PHE A 34 14.29 -11.55 -14.10
N ASN A 35 14.39 -10.72 -15.12
CA ASN A 35 13.51 -10.78 -16.28
C ASN A 35 12.02 -10.82 -15.92
N VAL A 36 11.60 -9.88 -15.08
CA VAL A 36 10.19 -9.76 -14.73
C VAL A 36 9.69 -8.37 -15.07
N SER A 37 8.37 -8.22 -15.22
CA SER A 37 7.79 -6.92 -15.53
C SER A 37 7.87 -6.01 -14.31
N ASN A 38 7.78 -4.71 -14.56
CA ASN A 38 7.77 -3.74 -13.47
C ASN A 38 6.59 -3.95 -12.54
N PHE A 39 5.48 -4.40 -13.12
CA PHE A 39 4.29 -4.71 -12.34
C PHE A 39 4.59 -5.78 -11.30
N VAL A 40 5.33 -6.79 -11.72
CA VAL A 40 5.67 -7.92 -10.86
C VAL A 40 6.53 -7.48 -9.68
N ILE A 41 7.57 -6.70 -9.95
CA ILE A 41 8.46 -6.28 -8.89
C ILE A 41 7.75 -5.28 -7.98
N GLY A 42 6.76 -4.58 -8.53
CA GLY A 42 5.97 -3.63 -7.77
C GLY A 42 4.95 -4.33 -6.88
N ALA A 43 4.44 -5.46 -7.35
CA ALA A 43 3.37 -6.16 -6.64
C ALA A 43 3.91 -7.14 -5.60
N THR A 44 5.22 -7.31 -5.58
CA THR A 44 5.83 -8.24 -4.63
C THR A 44 6.81 -7.53 -3.71
N VAL A 45 8.03 -7.31 -4.19
CA VAL A 45 9.08 -6.67 -3.40
C VAL A 45 8.68 -5.30 -2.88
N MET A 46 8.22 -4.43 -3.77
CA MET A 46 7.87 -3.07 -3.40
C MET A 46 6.61 -3.03 -2.55
N ALA A 47 5.61 -3.81 -2.94
CA ALA A 47 4.34 -3.84 -2.20
C ALA A 47 4.52 -4.33 -0.78
N ILE A 48 5.21 -5.45 -0.61
CA ILE A 48 5.43 -6.02 0.71
C ILE A 48 6.30 -5.10 1.57
N GLY A 49 7.35 -4.54 0.97
CA GLY A 49 8.26 -3.66 1.68
C GLY A 49 7.58 -2.43 2.24
N THR A 50 6.66 -1.87 1.47
CA THR A 50 5.94 -0.67 1.89
C THR A 50 4.78 -1.02 2.82
N SER A 51 4.40 -2.29 2.87
CA SER A 51 3.28 -2.72 3.72
C SER A 51 3.76 -3.24 5.07
N LEU A 52 5.07 -3.25 5.29
CA LEU A 52 5.62 -3.62 6.58
C LEU A 52 5.05 -2.79 7.75
N PRO A 53 4.84 -1.47 7.56
CA PRO A 53 4.17 -0.72 8.62
C PRO A 53 2.76 -1.24 8.96
N GLU A 54 1.93 -1.50 7.95
CA GLU A 54 0.58 -2.05 8.19
C GLU A 54 0.63 -3.36 8.96
N ILE A 55 1.48 -4.26 8.50
CA ILE A 55 1.58 -5.58 9.11
C ILE A 55 1.98 -5.46 10.58
N LEU A 56 3.00 -4.67 10.85
CA LEU A 56 3.47 -4.49 12.23
C LEU A 56 2.51 -3.63 13.04
N THR A 57 1.72 -2.81 12.37
CA THR A 57 0.74 -2.01 13.08
C THR A 57 -0.49 -2.84 13.42
N SER A 58 -0.94 -3.64 12.45
CA SER A 58 -2.07 -4.54 12.67
C SER A 58 -1.74 -5.60 13.72
N ALA A 59 -0.57 -6.20 13.61
CA ALA A 59 -0.12 -7.20 14.57
C ALA A 59 -0.09 -6.62 15.97
N TYR A 60 0.48 -5.43 16.10
CA TYR A 60 0.62 -4.77 17.39
C TYR A 60 -0.72 -4.35 17.96
N ALA A 61 -1.55 -3.73 17.13
CA ALA A 61 -2.85 -3.21 17.57
C ALA A 61 -3.75 -4.34 18.09
N SER A 62 -3.86 -5.40 17.31
CA SER A 62 -4.71 -6.52 17.68
C SER A 62 -4.17 -7.23 18.92
N TYR A 63 -2.84 -7.29 19.03
CA TYR A 63 -2.19 -7.88 20.18
C TYR A 63 -2.44 -7.06 21.44
N MET A 64 -2.54 -5.74 21.26
CA MET A 64 -2.81 -4.84 22.39
C MET A 64 -4.31 -4.64 22.56
N HIS A 65 -5.09 -5.63 22.11
CA HIS A 65 -6.53 -5.65 22.30
C HIS A 65 -7.25 -4.48 21.62
N ALA A 66 -6.72 -4.03 20.49
CA ALA A 66 -7.37 -2.99 19.69
C ALA A 66 -7.55 -3.43 18.24
N PRO A 67 -8.41 -4.44 18.02
CA PRO A 67 -8.57 -5.03 16.69
C PRO A 67 -9.25 -4.09 15.69
N GLY A 68 -10.03 -3.14 16.21
CA GLY A 68 -10.70 -2.17 15.36
C GLY A 68 -9.72 -1.29 14.63
N ILE A 69 -8.65 -0.93 15.32
CA ILE A 69 -7.56 -0.17 14.71
C ILE A 69 -6.83 -1.05 13.70
N SER A 70 -6.62 -2.31 14.07
CA SER A 70 -5.93 -3.28 13.23
C SER A 70 -6.61 -3.41 11.86
N ILE A 71 -7.93 -3.59 11.87
CA ILE A 71 -8.67 -3.71 10.61
C ILE A 71 -8.87 -2.34 9.97
N GLY A 72 -9.01 -1.33 10.82
CA GLY A 72 -9.24 0.02 10.38
C GLY A 72 -8.01 0.52 9.59
N ASN A 73 -6.78 0.38 10.10
CA ASN A 73 -5.64 0.68 9.24
C ASN A 73 -5.26 -0.31 8.15
N ALA A 74 -5.68 -1.57 8.24
CA ALA A 74 -5.54 -2.38 7.03
C ALA A 74 -6.41 -1.90 5.88
N ILE A 75 -7.70 -1.79 6.15
CA ILE A 75 -8.69 -1.39 5.13
C ILE A 75 -8.57 0.08 4.72
N GLY A 76 -8.23 0.93 5.68
CA GLY A 76 -8.01 2.33 5.41
C GLY A 76 -6.88 2.55 4.42
N SER A 77 -5.86 1.71 4.53
CA SER A 77 -4.74 1.80 3.60
C SER A 77 -5.17 1.45 2.18
N CYS A 78 -6.07 0.47 2.05
CA CYS A 78 -6.55 0.05 0.73
C CYS A 78 -7.24 1.18 -0.03
N ILE A 79 -8.19 1.81 0.65
CA ILE A 79 -8.95 2.91 0.11
C ILE A 79 -7.99 4.02 -0.25
N CYS A 80 -7.03 4.23 0.65
CA CYS A 80 -6.03 5.22 0.40
C CYS A 80 -5.12 4.90 -0.82
N ASN A 81 -4.74 3.66 -1.16
CA ASN A 81 -3.76 3.61 -2.25
C ASN A 81 -4.54 3.63 -3.57
N ILE A 82 -5.83 3.30 -3.53
CA ILE A 82 -6.62 3.41 -4.77
C ILE A 82 -7.07 4.85 -4.98
N GLY A 83 -7.58 5.47 -3.94
CA GLY A 83 -8.10 6.82 -4.00
C GLY A 83 -7.04 7.90 -4.13
N LEU A 84 -6.16 7.98 -3.13
CA LEU A 84 -5.16 9.04 -3.12
C LEU A 84 -3.95 8.69 -3.96
N VAL A 85 -3.31 7.57 -3.63
CA VAL A 85 -2.04 7.19 -4.24
C VAL A 85 -2.15 6.97 -5.75
N LEU A 86 -3.02 6.04 -6.16
CA LEU A 86 -3.21 5.76 -7.58
C LEU A 86 -3.83 6.97 -8.28
N GLY A 87 -4.69 7.69 -7.57
CA GLY A 87 -5.33 8.88 -8.12
C GLY A 87 -4.33 9.92 -8.59
N LEU A 88 -3.36 10.24 -7.75
CA LEU A 88 -2.33 11.20 -8.10
C LEU A 88 -1.45 10.67 -9.23
N SER A 89 -1.03 9.42 -9.10
CA SER A 89 -0.11 8.81 -10.06
C SER A 89 -0.73 8.70 -11.46
N ALA A 90 -2.01 8.37 -11.51
CA ALA A 90 -2.72 8.27 -12.79
C ALA A 90 -2.69 9.60 -13.54
N ILE A 91 -2.93 10.68 -12.83
CA ILE A 91 -2.88 12.02 -13.40
C ILE A 91 -1.47 12.34 -13.90
N ILE A 92 -0.48 12.06 -13.06
CA ILE A 92 0.91 12.32 -13.42
C ILE A 92 1.36 11.48 -14.62
N SER A 93 1.08 10.17 -14.58
CA SER A 93 1.48 9.28 -15.66
C SER A 93 0.38 8.27 -16.00
N PRO A 94 -0.53 8.66 -16.90
CA PRO A 94 -1.65 7.83 -17.37
C PRO A 94 -1.20 6.44 -17.80
N ILE A 95 -2.02 5.44 -17.49
CA ILE A 95 -1.66 4.06 -17.76
C ILE A 95 -2.70 3.37 -18.63
N ILE A 96 -2.26 2.76 -19.72
CA ILE A 96 -3.09 1.84 -20.46
C ILE A 96 -2.67 0.43 -20.09
N VAL A 97 -3.61 -0.32 -19.52
CA VAL A 97 -3.32 -1.64 -18.97
C VAL A 97 -3.35 -2.72 -20.04
N ASP A 98 -2.24 -3.43 -20.21
CA ASP A 98 -2.18 -4.57 -21.12
C ASP A 98 -3.01 -5.72 -20.55
N LYS A 99 -3.40 -6.64 -21.43
CA LYS A 99 -4.34 -7.70 -21.06
C LYS A 99 -3.77 -8.67 -20.02
N ASN A 100 -2.45 -8.80 -19.98
CA ASN A 100 -1.82 -9.66 -18.98
C ASN A 100 -1.94 -9.07 -17.58
N LEU A 101 -2.02 -7.75 -17.50
CA LEU A 101 -2.18 -7.07 -16.22
C LEU A 101 -3.65 -6.95 -15.83
N GLN A 102 -4.53 -6.89 -16.83
CA GLN A 102 -5.97 -6.82 -16.60
C GLN A 102 -6.45 -8.06 -15.87
N LYS A 103 -5.84 -9.20 -16.19
CA LYS A 103 -6.18 -10.45 -15.55
C LYS A 103 -5.78 -10.43 -14.08
N ASN A 104 -4.62 -9.86 -13.80
CA ASN A 104 -4.15 -9.74 -12.43
C ASN A 104 -5.04 -8.84 -11.60
N ILE A 105 -5.57 -7.80 -12.24
CA ILE A 105 -6.47 -6.86 -11.57
C ILE A 105 -7.82 -7.52 -11.30
N LEU A 106 -8.25 -8.36 -12.24
CA LEU A 106 -9.49 -9.10 -12.08
C LEU A 106 -9.40 -10.07 -10.89
N VAL A 107 -8.23 -10.69 -10.73
CA VAL A 107 -8.01 -11.59 -9.62
C VAL A 107 -8.01 -10.80 -8.31
N TYR A 108 -7.42 -9.61 -8.35
CA TYR A 108 -7.45 -8.71 -7.20
C TYR A 108 -8.88 -8.42 -6.77
N LEU A 109 -9.72 -8.05 -7.73
CA LEU A 109 -11.11 -7.72 -7.45
C LEU A 109 -11.85 -8.88 -6.80
N LEU A 110 -11.61 -10.09 -7.29
CA LEU A 110 -12.22 -11.29 -6.72
C LEU A 110 -11.77 -11.48 -5.28
N PHE A 111 -10.48 -11.22 -5.04
CA PHE A 111 -9.89 -11.35 -3.72
C PHE A 111 -10.54 -10.39 -2.73
N VAL A 112 -10.73 -9.14 -3.15
CA VAL A 112 -11.34 -8.12 -2.32
C VAL A 112 -12.80 -8.44 -2.00
N ILE A 113 -13.54 -8.86 -3.01
CA ILE A 113 -14.95 -9.23 -2.83
C ILE A 113 -15.06 -10.40 -1.86
N PHE A 114 -14.21 -11.41 -2.06
CA PHE A 114 -14.17 -12.57 -1.17
C PHE A 114 -13.87 -12.17 0.26
N ALA A 115 -12.87 -11.32 0.46
CA ALA A 115 -12.52 -10.84 1.78
C ALA A 115 -13.68 -10.08 2.42
N ALA A 116 -14.41 -9.34 1.59
CA ALA A 116 -15.55 -8.56 2.05
C ALA A 116 -16.69 -9.47 2.49
N VAL A 117 -16.91 -10.54 1.73
CA VAL A 117 -17.99 -11.46 2.01
C VAL A 117 -17.78 -12.22 3.32
N ILE A 118 -16.61 -12.82 3.49
CA ILE A 118 -16.32 -13.58 4.70
C ILE A 118 -16.05 -12.64 5.87
N GLY A 119 -16.00 -11.35 5.57
CA GLY A 119 -15.70 -10.34 6.57
C GLY A 119 -16.93 -9.69 7.17
N ILE A 120 -18.10 -10.01 6.62
CA ILE A 120 -19.36 -9.46 7.11
C ILE A 120 -19.56 -9.75 8.59
N ASP A 121 -19.24 -10.97 9.01
CA ASP A 121 -19.36 -11.32 10.42
CA ASP A 121 -19.29 -11.41 10.40
C ASP A 121 -18.15 -10.82 11.21
N GLY A 122 -17.16 -10.27 10.50
CA GLY A 122 -15.93 -9.83 11.13
C GLY A 122 -14.80 -10.67 10.56
N PHE A 123 -13.71 -10.82 11.31
CA PHE A 123 -12.58 -11.58 10.80
C PHE A 123 -11.97 -12.48 11.87
N SER A 124 -12.29 -13.76 11.78
CA SER A 124 -11.74 -14.77 12.69
C SER A 124 -10.34 -15.15 12.26
N TRP A 125 -9.68 -15.96 13.08
CA TRP A 125 -8.32 -16.38 12.80
C TRP A 125 -8.28 -17.29 11.56
N ILE A 126 -9.32 -18.10 11.39
CA ILE A 126 -9.43 -18.93 10.18
C ILE A 126 -9.58 -18.06 8.94
N ASP A 127 -10.39 -17.01 9.05
CA ASP A 127 -10.51 -16.03 7.99
C ASP A 127 -9.15 -15.49 7.60
N GLY A 128 -8.32 -15.24 8.60
CA GLY A 128 -6.96 -14.76 8.38
C GLY A 128 -6.06 -15.77 7.69
N VAL A 129 -6.13 -17.03 8.10
CA VAL A 129 -5.32 -18.08 7.50
C VAL A 129 -5.62 -18.20 6.01
N VAL A 130 -6.91 -18.18 5.69
CA VAL A 130 -7.37 -18.27 4.30
C VAL A 130 -6.81 -17.13 3.44
N LEU A 131 -6.97 -15.90 3.93
CA LEU A 131 -6.50 -14.72 3.21
C LEU A 131 -4.99 -14.76 3.01
N LEU A 132 -4.27 -15.23 4.01
CA LEU A 132 -2.82 -15.31 3.93
C LEU A 132 -2.35 -16.34 2.90
N ILE A 133 -3.09 -17.44 2.79
CA ILE A 133 -2.74 -18.47 1.82
C ILE A 133 -2.97 -17.97 0.39
N LEU A 134 -4.13 -17.36 0.15
CA LEU A 134 -4.42 -16.74 -1.15
C LEU A 134 -3.40 -15.65 -1.48
N PHE A 135 -2.93 -14.95 -0.45
CA PHE A 135 -1.88 -13.95 -0.59
C PHE A 135 -0.62 -14.60 -1.14
N ILE A 136 -0.22 -15.71 -0.54
CA ILE A 136 0.94 -16.47 -1.01
C ILE A 136 0.76 -16.95 -2.45
N ILE A 137 -0.41 -17.51 -2.75
CA ILE A 137 -0.71 -17.99 -4.10
C ILE A 137 -0.65 -16.86 -5.12
N TYR A 138 -1.23 -15.71 -4.76
CA TYR A 138 -1.22 -14.54 -5.64
C TYR A 138 0.21 -14.16 -6.03
N LEU A 139 1.07 -14.02 -5.03
CA LEU A 139 2.46 -13.65 -5.26
C LEU A 139 3.15 -14.64 -6.19
N ARG A 140 2.86 -15.91 -5.98
CA ARG A 140 3.39 -16.98 -6.79
C ARG A 140 2.89 -16.90 -8.23
N TRP A 141 1.57 -16.77 -8.35
CA TRP A 141 0.92 -16.70 -9.65
C TRP A 141 1.35 -15.45 -10.43
N THR A 142 1.49 -14.34 -9.71
CA THR A 142 1.90 -13.08 -10.32
C THR A 142 3.32 -13.16 -10.88
N VAL A 143 4.22 -13.73 -10.10
CA VAL A 143 5.60 -13.89 -10.52
C VAL A 143 5.74 -14.79 -11.75
N LYS A 144 5.07 -15.94 -11.72
CA LYS A 144 5.19 -16.92 -12.79
C LYS A 144 4.71 -16.36 -14.13
N ASN A 145 3.58 -15.67 -14.13
CA ASN A 145 3.02 -15.09 -15.35
C ASN A 145 3.73 -13.81 -15.77
N GLY A 146 4.61 -13.30 -14.90
CA GLY A 146 5.30 -12.07 -15.18
C GLY A 146 6.79 -12.26 -15.38
N SER A 147 7.27 -13.47 -15.08
CA SER A 147 8.68 -13.77 -15.26
C SER A 147 8.91 -14.52 -16.56
N ALA A 148 10.05 -14.23 -17.18
CA ALA A 148 10.46 -14.91 -18.40
C ALA A 148 11.94 -15.22 -18.30
N GLU A 149 12.40 -15.49 -17.07
CA GLU A 149 13.82 -15.63 -16.82
C GLU A 149 14.44 -16.82 -17.53
N ILE A 150 15.57 -16.59 -18.16
CA ILE A 150 16.25 -17.58 -18.99
C ILE A 150 17.58 -17.92 -18.35
N GLU A 151 18.26 -16.86 -17.90
CA GLU A 151 19.62 -16.93 -17.37
C GLU A 151 19.73 -17.80 -16.12
N ASN A 158 29.71 -11.19 -9.93
CA ASN A 158 28.82 -10.53 -8.99
C ASN A 158 28.92 -9.01 -9.03
N PRO A 159 28.38 -8.38 -10.09
CA PRO A 159 28.48 -6.93 -10.21
C PRO A 159 27.15 -6.17 -10.26
N SER A 160 26.66 -5.91 -11.46
CA SER A 160 25.54 -5.00 -11.73
C SER A 160 24.29 -5.26 -10.88
N VAL A 161 24.19 -6.47 -10.32
CA VAL A 161 23.09 -6.83 -9.45
C VAL A 161 23.30 -6.25 -8.05
N VAL A 162 24.55 -6.30 -7.59
CA VAL A 162 24.91 -5.85 -6.24
C VAL A 162 24.52 -4.40 -6.00
N PHE A 163 24.86 -3.53 -6.95
CA PHE A 163 24.52 -2.12 -6.82
C PHE A 163 23.02 -1.93 -6.90
N SER A 164 22.37 -2.72 -7.76
CA SER A 164 20.92 -2.67 -7.90
C SER A 164 20.23 -3.05 -6.60
N LEU A 165 20.72 -4.11 -5.98
CA LEU A 165 20.14 -4.61 -4.74
C LEU A 165 20.39 -3.64 -3.59
N VAL A 166 21.60 -3.09 -3.54
CA VAL A 166 21.96 -2.14 -2.49
C VAL A 166 21.08 -0.89 -2.60
N LEU A 167 20.88 -0.44 -3.83
CA LEU A 167 20.04 0.71 -4.10
C LEU A 167 18.60 0.46 -3.66
N LEU A 168 18.12 -0.77 -3.83
CA LEU A 168 16.78 -1.15 -3.42
C LEU A 168 16.66 -1.19 -1.89
N ILE A 169 17.65 -1.80 -1.25
CA ILE A 169 17.65 -1.95 0.20
C ILE A 169 17.75 -0.61 0.92
N ILE A 170 18.73 0.20 0.55
CA ILE A 170 18.90 1.52 1.13
C ILE A 170 17.67 2.37 0.87
N GLY A 171 17.08 2.19 -0.32
CA GLY A 171 15.87 2.91 -0.68
C GLY A 171 14.72 2.58 0.23
N LEU A 172 14.53 1.29 0.51
CA LEU A 172 13.45 0.86 1.39
C LEU A 172 13.69 1.34 2.82
N ILE A 173 14.92 1.22 3.28
CA ILE A 173 15.28 1.68 4.62
C ILE A 173 15.03 3.18 4.70
N GLY A 174 15.33 3.89 3.61
CA GLY A 174 15.11 5.32 3.55
C GLY A 174 13.66 5.73 3.73
N VAL A 175 12.74 5.01 3.08
CA VAL A 175 11.33 5.37 3.15
C VAL A 175 10.67 4.88 4.43
N LEU A 176 11.12 3.74 4.95
CA LEU A 176 10.56 3.22 6.19
C LEU A 176 11.01 4.07 7.38
N VAL A 177 12.29 4.41 7.41
CA VAL A 177 12.81 5.29 8.44
C VAL A 177 12.26 6.70 8.24
N GLY A 178 12.20 7.13 6.98
CA GLY A 178 11.69 8.45 6.65
C GLY A 178 10.25 8.63 7.11
N ALA A 179 9.45 7.57 6.97
CA ALA A 179 8.07 7.60 7.42
C ALA A 179 7.99 7.69 8.94
N GLU A 180 8.85 6.90 9.60
CA GLU A 180 8.97 6.92 11.06
C GLU A 180 9.23 8.33 11.59
N LEU A 181 10.26 8.97 11.04
CA LEU A 181 10.66 10.31 11.48
C LEU A 181 9.58 11.34 11.20
N PHE A 182 8.84 11.14 10.12
CA PHE A 182 7.74 12.04 9.79
C PHE A 182 6.67 11.95 10.87
N VAL A 183 6.25 10.72 11.18
CA VAL A 183 5.26 10.51 12.21
C VAL A 183 5.78 11.00 13.56
N ASP A 184 6.92 10.47 13.99
CA ASP A 184 7.55 10.86 15.25
C ASP A 184 7.70 12.38 15.36
N GLY A 185 8.29 12.99 14.33
CA GLY A 185 8.47 14.42 14.30
C GLY A 185 7.18 15.20 14.42
N ALA A 186 6.11 14.63 13.86
CA ALA A 186 4.79 15.25 13.92
C ALA A 186 4.19 15.11 15.32
N LYS A 187 4.31 13.91 15.90
CA LYS A 187 3.80 13.65 17.23
C LYS A 187 4.43 14.58 18.26
N LYS A 188 5.71 14.90 18.05
CA LYS A 188 6.47 15.72 18.99
C LYS A 188 6.00 17.17 18.98
N ILE A 189 5.77 17.69 17.77
CA ILE A 189 5.29 19.06 17.62
C ILE A 189 3.92 19.22 18.25
N ALA A 190 3.04 18.24 18.00
CA ALA A 190 1.70 18.25 18.57
C ALA A 190 1.75 18.17 20.10
N LEU A 191 2.72 17.42 20.62
CA LEU A 191 2.87 17.26 22.06
C LEU A 191 3.41 18.53 22.70
N ALA A 192 4.45 19.09 22.09
CA ALA A 192 5.10 20.27 22.64
C ALA A 192 4.20 21.50 22.53
N LEU A 193 3.32 21.50 21.53
CA LEU A 193 2.36 22.59 21.37
C LEU A 193 1.01 22.21 21.99
N ASP A 194 0.98 21.07 22.67
CA ASP A 194 -0.17 20.63 23.45
C ASP A 194 -1.38 20.38 22.54
N ILE A 195 -1.11 20.19 21.26
CA ILE A 195 -2.16 20.03 20.25
C ILE A 195 -2.62 18.55 20.14
N SER A 196 -1.89 17.67 20.81
CA SER A 196 -2.13 16.23 20.71
C SER A 196 -3.52 15.72 21.09
N ASP A 197 -4.36 15.57 20.07
CA ASP A 197 -5.50 14.67 20.11
C ASP A 197 -4.93 13.29 19.79
N LYS A 198 -5.75 12.25 19.85
CA LYS A 198 -5.24 10.94 19.51
C LYS A 198 -6.20 10.06 18.71
N VAL A 199 -7.28 10.65 18.19
CA VAL A 199 -7.90 10.08 17.02
C VAL A 199 -7.28 10.75 15.80
N ILE A 200 -6.83 11.98 15.99
CA ILE A 200 -5.90 12.58 15.06
C ILE A 200 -4.61 11.82 15.07
N GLY A 201 -4.06 11.66 16.27
CA GLY A 201 -2.86 10.86 16.49
C GLY A 201 -2.90 9.43 15.96
N PHE A 202 -4.11 8.85 15.90
CA PHE A 202 -4.27 7.56 15.25
C PHE A 202 -4.39 7.70 13.75
N THR A 203 -5.38 8.47 13.30
CA THR A 203 -5.65 8.61 11.86
C THR A 203 -4.57 9.48 11.19
N LEU A 204 -3.48 9.79 11.90
CA LEU A 204 -2.25 10.22 11.22
C LEU A 204 -1.16 9.15 11.23
N VAL A 205 -1.15 8.26 12.21
CA VAL A 205 -0.26 7.11 12.14
C VAL A 205 -0.93 6.11 11.18
N ALA A 206 -2.24 6.27 11.02
CA ALA A 206 -2.99 5.57 10.00
C ALA A 206 -2.82 6.27 8.65
N PHE A 207 -1.96 7.30 8.63
CA PHE A 207 -1.56 7.94 7.38
C PHE A 207 -0.08 7.67 7.08
N GLY A 208 0.75 7.87 8.10
CA GLY A 208 2.18 7.58 8.01
C GLY A 208 2.44 6.13 7.64
N THR A 209 1.45 5.27 7.88
CA THR A 209 1.50 3.88 7.47
C THR A 209 1.55 3.80 5.94
N SER A 210 1.01 4.82 5.29
CA SER A 210 0.74 4.78 3.86
C SER A 210 1.61 5.74 3.07
N LEU A 211 2.45 6.49 3.77
CA LEU A 211 3.43 7.36 3.14
C LEU A 211 4.46 6.60 2.28
N PRO A 212 4.93 5.42 2.74
CA PRO A 212 5.85 4.69 1.85
C PRO A 212 5.26 4.37 0.48
N GLU A 213 4.02 3.87 0.46
CA GLU A 213 3.33 3.60 -0.80
C GLU A 213 3.15 4.87 -1.64
N LEU A 214 2.75 5.95 -0.98
CA LEU A 214 2.52 7.23 -1.65
C LEU A 214 3.78 7.77 -2.31
N MET A 215 4.83 7.93 -1.53
CA MET A 215 6.08 8.50 -2.04
C MET A 215 6.72 7.62 -3.10
N VAL A 216 6.69 6.31 -2.89
CA VAL A 216 7.26 5.35 -3.84
C VAL A 216 6.51 5.39 -5.17
N SER A 217 5.18 5.42 -5.11
CA SER A 217 4.36 5.44 -6.32
C SER A 217 4.54 6.75 -7.09
N LEU A 218 4.57 7.86 -6.38
CA LEU A 218 4.78 9.15 -7.01
C LEU A 218 6.14 9.18 -7.72
N ALA A 219 7.13 8.56 -7.09
CA ALA A 219 8.47 8.49 -7.66
C ALA A 219 8.45 7.74 -8.99
N ALA A 220 7.78 6.59 -8.99
CA ALA A 220 7.65 5.77 -10.20
C ALA A 220 6.79 6.48 -11.25
N ALA A 221 5.79 7.22 -10.80
CA ALA A 221 4.92 7.96 -11.72
C ALA A 221 5.72 9.03 -12.46
N LYS A 222 6.62 9.72 -11.75
CA LYS A 222 7.47 10.73 -12.36
C LYS A 222 8.40 10.15 -13.41
N ARG A 223 8.83 8.92 -13.19
CA ARG A 223 9.70 8.23 -14.14
C ARG A 223 8.87 7.38 -15.09
N ASN A 224 7.60 7.72 -15.21
CA ASN A 224 6.66 7.07 -16.14
C ASN A 224 6.63 5.55 -16.05
N LEU A 225 6.79 5.02 -14.85
CA LEU A 225 6.72 3.58 -14.64
C LEU A 225 5.33 3.19 -14.17
N GLY A 226 4.35 3.30 -15.07
CA GLY A 226 2.97 3.05 -14.74
C GLY A 226 2.69 1.65 -14.21
N GLY A 227 3.35 0.65 -14.79
CA GLY A 227 3.17 -0.73 -14.37
C GLY A 227 3.61 -0.95 -12.93
N MET A 228 4.76 -0.39 -12.58
CA MET A 228 5.29 -0.45 -11.22
C MET A 228 4.34 0.22 -10.22
N VAL A 229 3.72 1.33 -10.64
CA VAL A 229 2.74 2.02 -9.82
C VAL A 229 1.54 1.12 -9.55
N LEU A 230 0.96 0.62 -10.64
CA LEU A 230 -0.21 -0.23 -10.57
C LEU A 230 0.07 -1.48 -9.73
N GLY A 231 1.24 -2.07 -9.95
CA GLY A 231 1.67 -3.23 -9.20
C GLY A 231 1.81 -2.91 -7.72
N ASN A 232 2.34 -1.72 -7.43
CA ASN A 232 2.53 -1.30 -6.04
C ASN A 232 1.19 -1.12 -5.32
N VAL A 233 0.20 -0.58 -6.02
CA VAL A 233 -1.11 -0.34 -5.42
C VAL A 233 -1.88 -1.66 -5.22
N ILE A 234 -1.98 -2.46 -6.27
CA ILE A 234 -2.66 -3.74 -6.21
C ILE A 234 -2.03 -4.67 -5.17
N GLY A 235 -0.71 -4.76 -5.21
CA GLY A 235 0.02 -5.63 -4.30
C GLY A 235 -0.10 -5.23 -2.86
N SER A 236 -0.01 -3.92 -2.60
CA SER A 236 -0.10 -3.41 -1.23
C SER A 236 -1.46 -3.69 -0.61
N ASN A 237 -2.50 -3.66 -1.44
CA ASN A 237 -3.85 -3.97 -0.97
C ASN A 237 -4.00 -5.44 -0.59
N ILE A 238 -3.39 -6.33 -1.36
CA ILE A 238 -3.43 -7.74 -1.02
C ILE A 238 -2.52 -7.99 0.18
N ALA A 239 -1.45 -7.19 0.29
CA ALA A 239 -0.51 -7.31 1.39
C ALA A 239 -1.13 -6.84 2.72
N ASP A 240 -2.00 -5.84 2.66
CA ASP A 240 -2.64 -5.30 3.85
CA ASP A 240 -2.58 -5.35 3.90
C ASP A 240 -3.83 -6.16 4.28
N ILE A 241 -4.48 -6.78 3.30
CA ILE A 241 -5.62 -7.64 3.58
C ILE A 241 -5.15 -9.06 3.90
N GLY A 242 -4.34 -9.62 3.00
CA GLY A 242 -3.85 -10.97 3.15
C GLY A 242 -2.70 -11.07 4.12
N GLY A 243 -2.15 -9.93 4.51
CA GLY A 243 -1.03 -9.90 5.43
C GLY A 243 -1.33 -9.15 6.71
N ALA A 244 -1.50 -7.84 6.62
CA ALA A 244 -1.76 -7.03 7.80
C ALA A 244 -3.06 -7.44 8.48
N LEU A 245 -4.16 -7.41 7.75
CA LEU A 245 -5.46 -7.82 8.29
C LEU A 245 -5.38 -9.24 8.81
N ALA A 246 -4.74 -10.11 8.03
CA ALA A 246 -4.60 -11.52 8.38
C ALA A 246 -3.91 -11.71 9.73
N VAL A 247 -2.71 -11.15 9.87
CA VAL A 247 -1.94 -11.28 11.10
C VAL A 247 -2.73 -10.73 12.30
N GLY A 248 -3.49 -9.66 12.07
CA GLY A 248 -4.32 -9.09 13.12
C GLY A 248 -5.36 -10.05 13.65
N SER A 249 -6.00 -10.78 12.75
CA SER A 249 -7.04 -11.73 13.13
C SER A 249 -6.46 -12.92 13.91
N LEU A 250 -5.18 -13.18 13.73
CA LEU A 250 -4.51 -14.28 14.43
C LEU A 250 -4.45 -14.03 15.93
N PHE A 251 -4.44 -12.76 16.32
CA PHE A 251 -4.35 -12.39 17.73
C PHE A 251 -5.73 -12.19 18.34
N MET A 252 -6.66 -11.72 17.52
CA MET A 252 -7.97 -11.33 18.01
C MET A 252 -8.98 -11.20 16.88
N HIS A 253 -10.24 -11.49 17.17
CA HIS A 253 -11.30 -11.37 16.17
C HIS A 253 -11.47 -9.90 15.79
N LEU A 254 -11.27 -9.60 14.51
CA LEU A 254 -11.41 -8.23 14.01
C LEU A 254 -12.86 -7.91 13.73
N PRO A 255 -13.38 -6.83 14.31
CA PRO A 255 -14.78 -6.43 14.11
C PRO A 255 -15.07 -6.05 12.66
N ALA A 256 -16.31 -6.24 12.24
CA ALA A 256 -16.70 -6.02 10.85
C ALA A 256 -16.60 -4.55 10.44
N GLU A 257 -16.04 -4.32 9.26
CA GLU A 257 -15.97 -2.99 8.69
C GLU A 257 -16.65 -2.99 7.33
N ASN A 258 -17.95 -3.25 7.33
CA ASN A 258 -18.72 -3.39 6.10
C ASN A 258 -18.78 -2.12 5.27
N VAL A 259 -18.83 -0.97 5.93
CA VAL A 259 -18.91 0.30 5.22
C VAL A 259 -17.65 0.54 4.40
N GLN A 260 -16.49 0.44 5.05
CA GLN A 260 -15.23 0.65 4.36
C GLN A 260 -14.97 -0.43 3.31
N MET A 261 -15.37 -1.67 3.61
CA MET A 261 -15.22 -2.77 2.66
C MET A 261 -16.05 -2.52 1.42
N ALA A 262 -17.26 -2.03 1.62
CA ALA A 262 -18.14 -1.68 0.50
C ALA A 262 -17.49 -0.61 -0.36
N VAL A 263 -16.94 0.41 0.29
CA VAL A 263 -16.19 1.45 -0.40
C VAL A 263 -15.02 0.85 -1.17
N LEU A 264 -14.24 -0.01 -0.51
CA LEU A 264 -13.08 -0.63 -1.12
C LEU A 264 -13.47 -1.49 -2.34
N VAL A 265 -14.54 -2.26 -2.20
CA VAL A 265 -15.03 -3.08 -3.30
C VAL A 265 -15.41 -2.23 -4.51
N ILE A 266 -16.14 -1.14 -4.24
CA ILE A 266 -16.58 -0.23 -5.29
C ILE A 266 -15.41 0.39 -6.05
N MET A 267 -14.43 0.88 -5.30
CA MET A 267 -13.26 1.50 -5.90
C MET A 267 -12.41 0.46 -6.63
N SER A 268 -12.30 -0.73 -6.05
CA SER A 268 -11.62 -1.85 -6.70
C SER A 268 -12.34 -2.22 -7.98
N LEU A 269 -13.67 -2.24 -7.91
CA LEU A 269 -14.50 -2.51 -9.09
C LEU A 269 -14.26 -1.48 -10.17
N LEU A 270 -14.27 -0.20 -9.79
CA LEU A 270 -14.00 0.88 -10.73
C LEU A 270 -12.61 0.76 -11.33
N LEU A 271 -11.65 0.37 -10.51
CA LEU A 271 -10.28 0.19 -10.95
C LEU A 271 -10.17 -0.87 -12.05
N TYR A 272 -10.87 -1.98 -11.87
CA TYR A 272 -10.86 -3.04 -12.87
C TYR A 272 -11.52 -2.61 -14.17
N LEU A 273 -12.70 -2.01 -14.06
CA LEU A 273 -13.45 -1.57 -15.23
C LEU A 273 -12.64 -0.61 -16.09
N PHE A 274 -12.06 0.41 -15.44
CA PHE A 274 -11.21 1.37 -16.13
C PHE A 274 -10.03 0.69 -16.82
N ALA A 275 -9.47 -0.32 -16.16
CA ALA A 275 -8.33 -1.04 -16.71
C ALA A 275 -8.73 -1.93 -17.88
N LYS A 276 -9.98 -2.40 -17.87
CA LYS A 276 -10.45 -3.37 -18.84
C LYS A 276 -10.96 -2.74 -20.14
N TYR A 277 -11.67 -1.63 -20.02
CA TYR A 277 -12.38 -1.06 -21.17
C TYR A 277 -11.93 0.35 -21.51
N SER A 278 -11.30 1.02 -20.56
CA SER A 278 -10.83 2.38 -20.77
C SER A 278 -9.33 2.46 -20.52
N LYS A 279 -8.95 3.32 -19.58
CA LYS A 279 -7.57 3.43 -19.15
C LYS A 279 -7.51 4.07 -17.78
N ILE A 280 -6.33 4.13 -17.20
CA ILE A 280 -6.14 4.80 -15.92
C ILE A 280 -5.34 6.08 -16.13
N GLY A 281 -6.02 7.11 -16.63
CA GLY A 281 -5.39 8.38 -16.92
C GLY A 281 -5.89 9.49 -16.03
N ARG A 282 -5.87 10.71 -16.55
CA ARG A 282 -6.20 11.89 -15.77
C ARG A 282 -7.61 11.85 -15.19
N TRP A 283 -8.61 11.74 -16.05
CA TRP A 283 -9.99 11.82 -15.60
C TRP A 283 -10.43 10.65 -14.71
N GLN A 284 -9.79 9.50 -14.89
CA GLN A 284 -10.02 8.39 -13.97
C GLN A 284 -9.34 8.68 -12.63
N GLY A 285 -8.14 9.23 -12.71
CA GLY A 285 -7.43 9.69 -11.52
C GLY A 285 -8.20 10.78 -10.80
N ILE A 286 -8.86 11.65 -11.56
CA ILE A 286 -9.71 12.70 -10.97
C ILE A 286 -10.79 12.07 -10.10
N LEU A 287 -11.44 11.04 -10.64
CA LEU A 287 -12.54 10.38 -9.94
C LEU A 287 -12.07 9.76 -8.64
N PHE A 288 -10.94 9.06 -8.70
CA PHE A 288 -10.39 8.39 -7.53
C PHE A 288 -10.11 9.38 -6.40
N LEU A 289 -9.48 10.51 -6.75
CA LEU A 289 -9.21 11.56 -5.77
C LEU A 289 -10.50 12.11 -5.19
N ALA A 290 -11.48 12.36 -6.06
CA ALA A 290 -12.79 12.84 -5.62
C ALA A 290 -13.40 11.89 -4.59
N LEU A 291 -13.42 10.60 -4.94
CA LEU A 291 -13.97 9.58 -4.06
C LEU A 291 -13.21 9.49 -2.74
N TYR A 292 -11.90 9.71 -2.79
CA TYR A 292 -11.09 9.71 -1.58
C TYR A 292 -11.42 10.91 -0.70
N ILE A 293 -11.68 12.05 -1.32
CA ILE A 293 -12.06 13.26 -0.59
C ILE A 293 -13.39 13.04 0.12
N ILE A 294 -14.37 12.53 -0.61
CA ILE A 294 -15.67 12.21 -0.04
C ILE A 294 -15.54 11.20 1.09
N ALA A 295 -14.66 10.22 0.91
CA ALA A 295 -14.43 9.19 1.91
C ALA A 295 -13.89 9.78 3.21
N ILE A 296 -12.79 10.53 3.13
CA ILE A 296 -12.18 11.11 4.32
C ILE A 296 -13.06 12.20 4.93
N ALA A 297 -14.12 12.58 4.22
CA ALA A 297 -15.08 13.55 4.72
C ALA A 297 -16.32 12.88 5.31
N SER A 298 -16.60 11.66 4.88
CA SER A 298 -17.80 10.95 5.31
C SER A 298 -17.53 9.72 6.16
N LEU A 299 -16.33 9.15 6.05
CA LEU A 299 -16.01 7.93 6.79
C LEU A 299 -15.36 8.24 8.13
N ARG A 300 -15.54 7.34 9.08
CA ARG A 300 -14.92 7.46 10.40
C ARG A 300 -14.86 6.11 11.09
NA NA B . 2.62 -1.88 0.59
NA NA C . 2.20 0.95 3.92
SR SR D . -16.03 -14.07 9.48
C9 OLC E . -16.18 -13.69 -5.34
C8 OLC E . -16.26 -15.05 -4.65
C24 OLC E . -18.56 -17.13 7.64
C7 OLC E . -16.86 -14.87 -3.26
C6 OLC E . -16.94 -16.22 -2.55
C5 OLC E . -17.54 -16.01 -1.16
C4 OLC E . -17.63 -17.33 -0.42
C3 OLC E . -18.21 -17.05 0.97
C2 OLC E . -18.33 -18.35 1.78
C21 OLC E . -18.91 -18.21 5.42
C1 OLC E . -18.91 -17.99 3.15
C22 OLC E . -17.89 -17.52 6.33
O19 OLC E . -19.86 -17.22 3.26
O25 OLC E . -17.61 -16.49 8.49
O23 OLC E . -16.79 -18.40 6.60
O20 OLC E . -18.28 -18.60 4.20
C10 OLC F . 2.01 11.29 21.90
C9 OLC F . 2.29 9.84 22.32
C11 OLC F . 1.64 11.63 20.48
C8 OLC F . 2.18 8.69 21.33
C24 OLC F . 4.88 2.66 18.88
C7 OLC F . 3.33 8.68 20.31
C6 OLC F . 3.23 7.45 19.38
C5 OLC F . 4.35 7.51 18.35
C4 OLC F . 4.37 6.26 17.45
C3 OLC F . 5.47 6.45 16.39
C2 OLC F . 5.65 5.25 15.44
C21 OLC F . 4.08 2.95 16.49
C1 OLC F . 6.14 3.99 16.19
C22 OLC F . 3.93 2.15 17.79
O19 OLC F . 7.14 4.04 16.90
O25 OLC F . 4.71 1.89 20.07
O23 OLC F . 2.58 2.26 18.25
O20 OLC F . 5.42 2.85 16.00
C2 MYS G . 1.21 16.65 2.69
C3 MYS G . 1.25 15.47 3.65
C4 MYS G . 0.21 15.68 4.76
C5 MYS G . -1.29 15.76 4.36
C6 MYS G . -1.94 14.51 3.72
C7 MYS G . -1.43 14.05 2.34
C8 MYS G . -1.72 15.13 1.31
C9 MYS G . -1.21 14.71 -0.07
C10 MYS G . 0.30 14.50 -0.03
C11 MYS G . 0.80 14.10 -1.43
C12 MYS G . 2.32 13.92 -1.40
C2 MYS H . -19.18 -6.97 -0.62
C3 MYS H . -19.85 -6.84 0.74
C4 MYS H . -19.41 -5.53 1.41
C5 MYS H . -20.09 -5.42 2.78
C6 MYS H . -21.62 -5.42 2.57
C7 MYS H . -22.34 -5.31 3.92
C2 MYS I . -11.60 8.78 7.66
C3 MYS I . -11.17 8.21 6.30
C4 MYS I . -11.29 6.68 6.35
C5 MYS I . -10.87 6.10 4.99
C2 MYS J . -14.77 14.41 -12.85
C3 MYS J . -14.50 12.92 -12.99
C4 MYS J . -14.78 12.46 -14.42
C5 MYS J . -14.51 10.96 -14.51
C6 MYS J . -14.77 10.42 -15.92
C7 MYS J . -14.48 8.92 -15.88
C8 MYS J . -14.74 8.24 -17.24
C9 MYS J . -13.86 8.83 -18.34
C10 MYS J . -14.17 8.08 -19.65
C11 MYS J . -13.88 6.59 -19.47
C2 MYS K . -16.78 5.47 -3.56
C3 MYS K . -17.64 6.34 -2.64
C4 MYS K . -16.79 6.82 -1.46
C5 MYS K . -17.66 7.67 -0.53
C6 MYS K . -18.82 6.84 0.00
C7 MYS K . -19.68 7.69 0.92
C2 MYS L . -21.81 9.33 7.40
C3 MYS L . -21.91 8.21 6.37
C4 MYS L . -20.82 7.16 6.63
C5 MYS L . -20.92 6.04 5.60
C6 MYS L . -20.75 6.61 4.18
C2 MYS M . -17.83 12.05 -7.19
C3 MYS M . -19.22 11.88 -6.59
C4 MYS M . -19.48 10.39 -6.37
C5 MYS M . -20.88 10.16 -5.77
C6 MYS M . -21.33 8.69 -5.51
C7 MYS M . -21.41 7.75 -6.75
C8 MYS M . -20.07 7.49 -7.43
C9 MYS M . -20.17 6.63 -8.68
C10 MYS M . -18.73 6.48 -9.21
C11 MYS M . -18.70 5.68 -10.50
C12 MYS M . -19.53 6.40 -11.56
C1 MYS N . 18.81 14.38 15.97
C2 MYS N . 18.09 15.50 15.20
C3 MYS N . 18.59 15.53 13.75
C4 MYS N . 17.87 16.66 13.01
C5 MYS N . 18.34 16.73 11.56
C6 MYS N . 17.61 17.88 10.87
C7 MYS N . 18.04 18.03 9.40
C8 MYS N . 17.26 19.21 8.84
C9 MYS N . 17.62 19.48 7.37
C10 MYS N . 16.79 20.70 6.94
C11 MYS N . 17.07 21.09 5.48
C12 MYS N . 16.21 22.32 5.17
C13 MYS N . 16.60 23.44 6.15
C14 MYS N . 15.77 24.69 5.89
C15 MYS N . 16.01 25.19 4.46
C2 MYS O . -13.01 17.14 -5.90
C3 MYS O . -11.58 16.65 -5.71
C4 MYS O . -10.70 17.27 -6.80
C5 MYS O . -9.24 16.80 -6.65
C6 MYS O . -8.43 17.46 -7.78
C7 MYS O . -9.05 17.01 -9.10
C8 MYS O . -8.37 17.63 -10.32
C9 MYS O . -6.88 17.30 -10.45
C10 MYS O . -6.42 17.93 -11.77
C11 MYS O . -4.95 17.65 -12.07
C12 MYS O . -4.61 18.27 -13.42
C13 MYS O . -3.15 17.99 -13.79
C14 MYS O . -2.82 18.61 -15.14
OH2 1PE P . 7.75 16.89 -7.56
C12 1PE P . 6.79 17.26 -6.57
C22 1PE P . 6.06 16.01 -6.05
OH3 1PE P . 7.01 15.11 -5.47
C13 1PE P . 7.31 13.03 -4.25
C23 1PE P . 6.31 13.99 -4.90
OH4 1PE P . 8.24 12.53 -5.21
C14 1PE P . 10.21 11.14 -5.52
C24 1PE P . 9.20 11.71 -4.53
OH5 1PE P . 10.91 12.19 -6.20
C15 1PE P . 12.56 12.68 -7.91
C25 1PE P . 11.88 11.60 -7.07
OH6 1PE P . 11.57 13.37 -8.70
C16 1PE P . 10.75 15.52 -9.44
C26 1PE P . 11.86 14.77 -8.70
OH7 1PE P . 11.02 16.92 -9.42
C6 P3G Q . 13.34 22.42 -1.90
O3 P3G Q . 14.32 21.41 -1.67
C7 P3G Q . 13.75 20.14 -1.96
C8 P3G Q . 14.74 19.02 -1.58
O4 P3G Q . 14.14 17.74 -1.86
C9 P3G Q . 12.91 17.66 -1.13
C10 P3G Q . 13.17 17.44 0.37
O5 P3G Q . 11.94 17.39 1.10
C11 P3G Q . 10.96 16.57 0.45
C12 P3G Q . 9.69 17.40 0.20
O6 P3G Q . 8.71 16.61 -0.49
C13 P3G Q . 8.12 17.39 -1.53
C14 P3G Q . 9.22 17.86 -2.48
O7 P3G Q . 8.67 18.66 -3.55
C15 P3G Q . 9.74 19.16 -4.35
C12 1PE R . 4.11 4.29 12.14
C22 1PE R . 4.07 4.30 10.60
OH3 1PE R . 5.28 4.85 10.07
C13 1PE R . 6.78 3.00 10.48
C23 1PE R . 6.06 3.84 9.42
OH4 1PE R . 7.56 1.96 9.89
C14 1PE R . 6.89 0.70 11.85
C24 1PE R . 8.06 1.15 10.97
OH5 1PE R . 7.38 -0.09 12.94
#